data_8WIO
#
_entry.id   8WIO
#
_cell.length_a   164.162
_cell.length_b   164.162
_cell.length_c   64.675
_cell.angle_alpha   90.000
_cell.angle_beta   90.000
_cell.angle_gamma   90.000
#
_symmetry.space_group_name_H-M   'P 4 21 2'
#
loop_
_entity.id
_entity.type
_entity.pdbx_description
1 polymer '21 kDa seed protein-like'
2 non-polymer 'SULFATE ION'
#
_entity_poly.entity_id   1
_entity_poly.type   'polypeptide(L)'
_entity_poly.pdbx_seq_one_letter_code
;KNEPVLDIDGEELRAGEQYYVVSAIWGPGGGGLALGRLTDQKCPEIVVQRRSDSDYGTPVIFHNLDTKDDIVRLSTDFNV
EFVPIRDRLCLTSTVWKIDDYDTSTGQWWVTTNGVIGNPGPQTLQSWFKIESGNLGYKFNFCPSVCESCITLCSDIGRYG
NDGQMRLALAESGWPFVFKKASSNIKQVVNAKH
;
_entity_poly.pdbx_strand_id   A,B,C
#
loop_
_chem_comp.id
_chem_comp.type
_chem_comp.name
_chem_comp.formula
SO4 non-polymer 'SULFATE ION' 'O4 S -2'
#
# COMPACT_ATOMS: atom_id res chain seq x y z
N LYS A 1 12.88 29.38 -13.23
CA LYS A 1 11.54 29.84 -13.59
C LYS A 1 10.63 28.63 -13.81
N ASN A 2 10.98 27.54 -13.11
CA ASN A 2 10.38 26.23 -13.32
C ASN A 2 8.88 26.21 -13.00
N GLU A 3 8.21 25.03 -13.26
CA GLU A 3 6.79 24.81 -13.09
C GLU A 3 6.47 24.32 -11.69
N PRO A 4 5.32 24.70 -11.14
CA PRO A 4 4.99 24.33 -9.76
C PRO A 4 4.66 22.85 -9.63
N VAL A 5 4.67 22.40 -8.37
CA VAL A 5 4.25 21.05 -8.01
C VAL A 5 2.80 21.10 -7.56
N LEU A 6 1.97 20.21 -8.08
CA LEU A 6 0.54 20.21 -7.82
C LEU A 6 0.17 19.09 -6.86
N ASP A 7 -0.96 19.28 -6.18
CA ASP A 7 -1.52 18.28 -5.29
C ASP A 7 -2.68 17.54 -5.96
N ILE A 8 -3.38 16.71 -5.18
CA ILE A 8 -4.44 15.86 -5.74
C ILE A 8 -5.60 16.69 -6.26
N ASP A 9 -5.90 17.81 -5.61
CA ASP A 9 -6.99 18.67 -6.06
C ASP A 9 -6.61 19.55 -7.25
N GLY A 10 -5.40 19.39 -7.80
CA GLY A 10 -4.94 20.22 -8.90
C GLY A 10 -4.35 21.54 -8.50
N GLU A 11 -4.14 21.77 -7.21
CA GLU A 11 -3.74 23.06 -6.67
C GLU A 11 -2.26 22.98 -6.32
N GLU A 12 -1.49 24.00 -6.72
CA GLU A 12 -0.05 23.91 -6.57
C GLU A 12 0.36 23.96 -5.10
N LEU A 13 1.44 23.25 -4.78
CA LEU A 13 1.92 23.15 -3.41
C LEU A 13 2.46 24.49 -2.93
N ARG A 14 2.08 24.87 -1.71
CA ARG A 14 2.52 26.11 -1.10
C ARG A 14 3.56 25.82 -0.02
N ALA A 15 4.67 26.56 -0.05
CA ALA A 15 5.63 26.47 1.04
C ALA A 15 4.98 27.01 2.32
N GLY A 16 5.09 26.23 3.39
CA GLY A 16 4.41 26.51 4.64
C GLY A 16 3.12 25.75 4.83
N GLU A 17 2.53 25.24 3.75
CA GLU A 17 1.26 24.53 3.78
C GLU A 17 1.50 23.04 4.08
N GLN A 18 0.50 22.40 4.67
CA GLN A 18 0.61 21.00 5.08
C GLN A 18 0.05 20.09 4.01
N TYR A 19 0.83 19.07 3.64
CA TYR A 19 0.42 18.11 2.62
C TYR A 19 0.80 16.70 3.03
N TYR A 20 -0.12 15.76 2.82
CA TYR A 20 0.19 14.35 2.95
C TYR A 20 0.89 13.89 1.68
N VAL A 21 2.07 13.28 1.83
CA VAL A 21 2.81 12.72 0.71
C VAL A 21 2.41 11.25 0.60
N VAL A 22 1.56 10.93 -0.36
CA VAL A 22 0.96 9.60 -0.47
C VAL A 22 1.46 8.92 -1.73
N SER A 23 1.85 7.65 -1.61
CA SER A 23 2.26 6.88 -2.77
C SER A 23 1.18 6.93 -3.84
N ALA A 24 1.59 7.33 -5.06
CA ALA A 24 0.67 7.29 -6.19
C ALA A 24 0.33 5.86 -6.59
N ILE A 25 1.13 4.88 -6.16
CA ILE A 25 0.84 3.47 -6.36
C ILE A 25 0.13 2.96 -5.11
N TRP A 26 -1.12 2.55 -5.24
CA TRP A 26 -1.88 2.05 -4.12
C TRP A 26 -1.80 0.52 -4.07
N GLY A 27 -2.58 -0.09 -3.20
CA GLY A 27 -2.55 -1.51 -3.01
C GLY A 27 -1.26 -1.95 -2.33
N PRO A 28 -0.49 -2.81 -2.99
CA PRO A 28 0.80 -3.22 -2.42
C PRO A 28 1.78 -2.07 -2.28
N GLY A 29 1.61 -0.99 -3.05
CA GLY A 29 2.51 0.16 -2.96
C GLY A 29 2.42 0.94 -1.67
N GLY A 30 1.49 0.60 -0.79
CA GLY A 30 1.36 1.32 0.45
C GLY A 30 0.77 2.70 0.23
N GLY A 31 0.77 3.47 1.31
CA GLY A 31 0.15 4.79 1.28
C GLY A 31 1.10 5.92 1.57
N GLY A 32 0.74 6.76 2.55
CA GLY A 32 1.49 7.97 2.82
C GLY A 32 2.71 7.76 3.69
N LEU A 33 3.55 8.80 3.75
CA LEU A 33 4.76 8.76 4.54
C LEU A 33 4.48 9.24 5.96
N ALA A 34 5.26 8.71 6.90
CA ALA A 34 5.11 9.00 8.31
C ALA A 34 6.46 8.79 9.00
N LEU A 35 6.45 8.82 10.32
CA LEU A 35 7.66 8.69 11.12
C LEU A 35 7.66 7.38 11.89
N GLY A 36 8.80 6.71 11.87
CA GLY A 36 8.97 5.49 12.62
C GLY A 36 10.27 5.51 13.38
N ARG A 37 10.65 4.37 13.94
CA ARG A 37 11.88 4.25 14.71
C ARG A 37 12.45 2.86 14.52
N LEU A 38 13.74 2.72 14.79
CA LEU A 38 14.42 1.44 14.64
C LEU A 38 14.54 0.75 15.99
N THR A 39 14.88 -0.54 15.93
CA THR A 39 15.03 -1.34 17.15
C THR A 39 16.20 -0.86 17.99
N ASP A 40 17.32 -0.50 17.35
CA ASP A 40 18.53 -0.05 18.04
C ASP A 40 18.62 1.47 18.19
N GLN A 41 17.72 2.23 17.57
CA GLN A 41 17.79 3.69 17.59
C GLN A 41 16.41 4.26 17.87
N LYS A 42 16.27 4.96 18.99
CA LYS A 42 14.99 5.57 19.32
C LYS A 42 14.86 6.97 18.72
N CYS A 43 15.94 7.75 18.69
CA CYS A 43 15.97 9.05 18.06
C CYS A 43 17.30 9.24 17.35
N PRO A 44 17.34 10.05 16.29
CA PRO A 44 16.21 10.74 15.66
C PRO A 44 15.34 9.77 14.89
N GLU A 45 14.05 10.06 14.71
CA GLU A 45 13.16 9.12 14.04
C GLU A 45 13.51 9.02 12.56
N ILE A 46 12.84 8.09 11.86
CA ILE A 46 13.17 7.81 10.48
C ILE A 46 11.95 7.93 9.60
N VAL A 47 12.17 8.22 8.32
CA VAL A 47 11.09 8.41 7.36
C VAL A 47 10.65 7.03 6.88
N VAL A 48 9.35 6.72 7.05
CA VAL A 48 8.80 5.42 6.69
C VAL A 48 7.52 5.65 5.90
N GLN A 49 6.97 4.56 5.37
CA GLN A 49 5.71 4.59 4.65
C GLN A 49 4.73 3.66 5.35
N ARG A 50 3.59 4.20 5.79
CA ARG A 50 2.50 3.37 6.25
C ARG A 50 2.06 2.43 5.13
N ARG A 51 1.82 1.17 5.47
CA ARG A 51 1.54 0.15 4.47
C ARG A 51 0.08 0.07 4.04
N SER A 52 -0.82 0.83 4.67
CA SER A 52 -2.24 0.76 4.37
C SER A 52 -2.65 1.86 3.41
N ASP A 53 -3.48 1.51 2.44
CA ASP A 53 -3.95 2.46 1.43
C ASP A 53 -4.98 3.44 1.96
N SER A 54 -5.40 3.33 3.21
CA SER A 54 -6.39 4.23 3.78
C SER A 54 -5.84 5.19 4.83
N ASP A 55 -4.57 5.04 5.23
CA ASP A 55 -3.92 6.01 6.10
C ASP A 55 -2.81 6.73 5.33
N TYR A 56 -2.85 8.07 5.35
CA TYR A 56 -1.90 8.89 4.63
C TYR A 56 -0.65 9.19 5.44
N GLY A 57 -0.49 8.55 6.59
CA GLY A 57 0.70 8.78 7.39
C GLY A 57 0.73 10.19 7.97
N THR A 58 1.91 10.81 7.91
CA THR A 58 2.12 12.10 8.54
C THR A 58 2.24 13.21 7.49
N PRO A 59 1.63 14.37 7.74
CA PRO A 59 1.79 15.49 6.81
C PRO A 59 3.18 16.09 6.89
N VAL A 60 3.53 16.82 5.83
CA VAL A 60 4.80 17.53 5.72
C VAL A 60 4.53 18.98 5.35
N ILE A 61 5.55 19.81 5.54
CA ILE A 61 5.59 21.17 5.05
C ILE A 61 6.90 21.37 4.30
N PHE A 62 6.86 22.24 3.29
CA PHE A 62 8.00 22.59 2.47
C PHE A 62 8.49 23.99 2.83
N HIS A 63 9.80 24.14 2.98
CA HIS A 63 10.45 25.44 3.07
C HIS A 63 11.25 25.66 1.81
N ASN A 64 10.95 26.74 1.10
CA ASN A 64 11.70 27.08 -0.09
C ASN A 64 13.11 27.53 0.29
N LEU A 65 14.02 27.47 -0.68
CA LEU A 65 15.31 28.11 -0.52
C LEU A 65 15.14 29.59 -0.24
N ASP A 66 14.60 30.34 -1.20
CA ASP A 66 14.21 31.71 -0.97
C ASP A 66 12.92 31.72 -0.15
N THR A 67 13.01 32.20 1.10
CA THR A 67 11.85 32.24 1.97
C THR A 67 10.74 33.16 1.45
N LYS A 68 11.00 33.91 0.38
CA LYS A 68 10.02 34.85 -0.16
C LYS A 68 9.12 34.23 -1.21
N ASP A 69 9.59 33.20 -1.93
CA ASP A 69 8.77 32.55 -2.94
C ASP A 69 7.83 31.56 -2.26
N ASP A 70 6.54 31.71 -2.51
CA ASP A 70 5.52 30.90 -1.85
C ASP A 70 5.16 29.64 -2.61
N ILE A 71 5.65 29.47 -3.83
CA ILE A 71 5.23 28.38 -4.70
C ILE A 71 6.28 27.27 -4.66
N VAL A 72 5.82 26.04 -4.44
CA VAL A 72 6.69 24.87 -4.51
C VAL A 72 6.78 24.42 -5.95
N ARG A 73 8.00 24.43 -6.50
CA ARG A 73 8.22 24.22 -7.92
C ARG A 73 9.25 23.12 -8.14
N LEU A 74 9.26 22.57 -9.35
CA LEU A 74 10.02 21.37 -9.66
C LEU A 74 11.52 21.68 -9.82
N SER A 75 12.31 20.61 -9.69
CA SER A 75 13.75 20.65 -9.98
C SER A 75 14.47 21.74 -9.19
N THR A 76 14.04 21.93 -7.95
CA THR A 76 14.60 22.97 -7.09
C THR A 76 14.77 22.43 -5.68
N ASP A 77 15.86 22.83 -5.03
CA ASP A 77 16.14 22.37 -3.67
C ASP A 77 15.19 23.01 -2.67
N PHE A 78 14.76 22.21 -1.68
CA PHE A 78 13.85 22.66 -0.65
C PHE A 78 14.12 21.88 0.63
N ASN A 79 13.48 22.31 1.70
CA ASN A 79 13.47 21.61 2.97
C ASN A 79 12.12 20.95 3.18
N VAL A 80 12.12 19.72 3.66
CA VAL A 80 10.91 18.99 3.97
C VAL A 80 10.92 18.70 5.46
N GLU A 81 9.90 19.17 6.19
CA GLU A 81 9.77 18.81 7.59
C GLU A 81 8.44 18.12 7.83
N PHE A 82 8.50 17.00 8.53
CA PHE A 82 7.30 16.45 9.14
C PHE A 82 6.81 17.41 10.22
N VAL A 83 5.51 17.37 10.52
CA VAL A 83 4.97 18.25 11.54
C VAL A 83 4.15 17.50 12.59
N PRO A 84 4.70 16.49 13.27
CA PRO A 84 3.84 15.67 14.14
C PRO A 84 3.72 16.24 15.54
N ILE A 85 3.05 15.49 16.41
CA ILE A 85 2.90 15.86 17.81
C ILE A 85 3.45 14.76 18.74
N ARG A 86 4.06 13.71 18.18
CA ARG A 86 4.58 12.66 19.05
C ARG A 86 5.68 13.24 19.92
N ASP A 87 5.58 13.00 21.22
CA ASP A 87 6.54 13.53 22.17
C ASP A 87 7.70 12.56 22.40
N ARG A 88 7.80 11.52 21.57
CA ARG A 88 8.92 10.60 21.59
C ARG A 88 10.11 11.12 20.78
N LEU A 89 10.09 12.38 20.33
CA LEU A 89 11.29 12.98 19.76
C LEU A 89 12.27 13.32 20.87
N CYS A 90 13.52 12.88 20.73
CA CYS A 90 14.55 13.29 21.66
C CYS A 90 15.19 14.59 21.20
N LEU A 91 14.33 15.59 21.00
CA LEU A 91 14.64 16.98 20.65
C LEU A 91 15.21 17.12 19.25
N THR A 92 15.35 16.04 18.50
CA THR A 92 15.84 16.14 17.13
C THR A 92 14.78 16.77 16.23
N SER A 93 15.24 17.48 15.22
CA SER A 93 14.33 18.19 14.34
C SER A 93 13.47 17.20 13.55
N THR A 94 12.44 17.73 12.90
CA THR A 94 11.56 16.96 12.05
C THR A 94 11.85 17.19 10.57
N VAL A 95 13.05 17.67 10.23
CA VAL A 95 13.40 18.11 8.89
C VAL A 95 14.16 16.98 8.19
N TRP A 96 13.77 16.69 6.94
CA TRP A 96 14.43 15.63 6.20
C TRP A 96 15.90 15.92 5.98
N LYS A 97 16.72 14.90 6.20
CA LYS A 97 18.15 14.96 5.96
C LYS A 97 18.58 13.63 5.37
N ILE A 98 19.68 13.65 4.63
CA ILE A 98 20.30 12.43 4.15
C ILE A 98 21.25 11.91 5.20
N ASP A 99 21.09 10.63 5.56
CA ASP A 99 22.01 10.00 6.50
C ASP A 99 23.36 9.77 5.85
N ASP A 100 24.34 9.43 6.68
CA ASP A 100 25.62 8.99 6.18
C ASP A 100 25.52 7.53 5.74
N TYR A 101 26.51 7.09 4.97
CA TYR A 101 26.49 5.75 4.38
C TYR A 101 26.29 4.70 5.45
N ASP A 102 25.25 3.89 5.28
CA ASP A 102 24.96 2.78 6.17
C ASP A 102 25.79 1.59 5.69
N THR A 103 26.86 1.28 6.42
CA THR A 103 27.72 0.18 6.01
C THR A 103 26.97 -1.15 6.03
N SER A 104 25.94 -1.26 6.87
CA SER A 104 25.29 -2.54 7.08
C SER A 104 24.43 -2.95 5.88
N THR A 105 23.76 -1.99 5.24
CA THR A 105 22.87 -2.31 4.14
C THR A 105 23.36 -1.85 2.78
N GLY A 106 24.37 -0.97 2.73
CA GLY A 106 24.83 -0.45 1.46
C GLY A 106 23.89 0.53 0.80
N GLN A 107 23.10 1.27 1.59
CA GLN A 107 22.15 2.22 1.06
C GLN A 107 22.27 3.55 1.80
N TRP A 108 21.99 4.64 1.09
CA TRP A 108 21.96 5.98 1.68
C TRP A 108 20.52 6.26 2.09
N TRP A 109 20.30 6.37 3.40
CA TRP A 109 18.94 6.45 3.95
C TRP A 109 18.45 7.89 3.99
N VAL A 110 17.13 8.04 4.11
CA VAL A 110 16.48 9.32 4.36
C VAL A 110 16.03 9.36 5.81
N THR A 111 16.37 10.44 6.51
CA THR A 111 16.12 10.53 7.95
C THR A 111 15.65 11.94 8.29
N THR A 112 15.66 12.24 9.58
CA THR A 112 15.35 13.55 10.11
C THR A 112 16.59 14.13 10.78
N ASN A 113 16.38 15.21 11.54
CA ASN A 113 17.46 16.01 12.14
C ASN A 113 18.14 16.87 11.07
N GLY A 114 17.40 17.24 10.03
CA GLY A 114 17.88 18.17 9.03
C GLY A 114 17.65 19.60 9.45
N VAL A 115 17.99 20.53 8.56
CA VAL A 115 18.01 21.95 8.88
C VAL A 115 17.16 22.71 7.87
N ILE A 116 16.33 23.60 8.37
CA ILE A 116 15.57 24.54 7.54
C ILE A 116 16.46 25.73 7.24
N GLY A 117 16.50 26.14 5.97
CA GLY A 117 17.27 27.32 5.64
C GLY A 117 18.77 27.09 5.71
N ASN A 118 19.50 28.20 5.76
CA ASN A 118 20.96 28.21 5.70
C ASN A 118 21.49 27.39 4.51
N PRO A 119 21.22 27.83 3.28
CA PRO A 119 21.82 27.14 2.13
C PRO A 119 23.33 27.22 2.18
N GLY A 120 23.98 26.11 1.84
CA GLY A 120 25.41 26.03 1.87
C GLY A 120 25.91 24.64 2.22
N PRO A 121 27.23 24.52 2.42
CA PRO A 121 27.80 23.21 2.77
C PRO A 121 27.23 22.63 4.06
N GLN A 122 26.88 23.49 5.01
CA GLN A 122 26.40 23.03 6.31
C GLN A 122 25.12 22.20 6.17
N THR A 123 24.15 22.71 5.41
CA THR A 123 22.85 22.08 5.26
C THR A 123 22.76 21.21 4.02
N LEU A 124 23.90 20.77 3.48
CA LEU A 124 23.93 20.08 2.20
C LEU A 124 22.99 18.87 2.21
N GLN A 125 23.05 18.07 3.26
CA GLN A 125 22.28 16.84 3.34
C GLN A 125 20.78 17.08 3.60
N SER A 126 20.33 18.32 3.64
CA SER A 126 18.96 18.65 4.00
C SER A 126 18.15 19.23 2.86
N TRP A 127 18.72 19.34 1.65
CA TRP A 127 18.07 20.01 0.53
C TRP A 127 17.66 18.98 -0.51
N PHE A 128 16.38 19.00 -0.88
CA PHE A 128 15.80 17.99 -1.75
C PHE A 128 15.08 18.66 -2.92
N LYS A 129 14.99 17.92 -4.03
CA LYS A 129 14.26 18.32 -5.21
C LYS A 129 13.10 17.37 -5.47
N ILE A 130 12.10 17.88 -6.18
CA ILE A 130 11.01 17.07 -6.72
C ILE A 130 11.12 17.09 -8.24
N GLU A 131 11.31 15.92 -8.83
CA GLU A 131 11.33 15.77 -10.28
C GLU A 131 10.06 15.08 -10.74
N SER A 132 9.57 15.49 -11.91
CA SER A 132 8.38 14.85 -12.46
C SER A 132 8.65 13.41 -12.88
N GLY A 133 9.81 13.17 -13.51
CA GLY A 133 10.11 11.84 -14.00
C GLY A 133 9.10 11.38 -15.02
N ASN A 134 8.65 10.14 -14.87
CA ASN A 134 7.67 9.54 -15.78
C ASN A 134 6.30 9.36 -15.16
N LEU A 135 6.22 8.94 -13.91
CA LEU A 135 4.96 8.81 -13.20
C LEU A 135 4.69 10.11 -12.44
N GLY A 136 3.78 10.08 -11.47
CA GLY A 136 3.67 11.16 -10.51
C GLY A 136 5.00 11.49 -9.86
N TYR A 137 5.03 12.58 -9.09
CA TYR A 137 6.28 13.18 -8.66
C TYR A 137 7.18 12.19 -7.94
N LYS A 138 8.48 12.32 -8.16
CA LYS A 138 9.50 11.53 -7.46
C LYS A 138 10.43 12.49 -6.72
N PHE A 139 10.91 12.05 -5.55
CA PHE A 139 11.88 12.83 -4.79
C PHE A 139 13.29 12.50 -5.25
N ASN A 140 14.18 13.48 -5.12
CA ASN A 140 15.53 13.37 -5.64
C ASN A 140 16.44 14.20 -4.75
N PHE A 141 17.52 13.61 -4.23
CA PHE A 141 18.51 14.37 -3.48
C PHE A 141 19.63 14.78 -4.44
N CYS A 142 19.74 16.07 -4.70
CA CYS A 142 20.79 16.57 -5.56
C CYS A 142 21.00 18.05 -5.21
N PRO A 143 21.61 18.34 -4.07
CA PRO A 143 21.64 19.72 -3.58
C PRO A 143 22.40 20.65 -4.52
N SER A 144 21.87 21.86 -4.68
CA SER A 144 22.47 22.90 -5.51
C SER A 144 22.81 24.14 -4.70
N VAL A 145 22.93 24.01 -3.37
CA VAL A 145 23.27 25.12 -2.51
C VAL A 145 24.76 25.34 -2.37
N CYS A 146 25.58 24.39 -2.80
CA CYS A 146 27.03 24.49 -2.69
C CYS A 146 27.64 23.97 -3.99
N GLU A 147 27.96 24.90 -4.90
CA GLU A 147 28.58 24.53 -6.16
C GLU A 147 29.95 23.89 -5.96
N SER A 148 30.66 24.31 -4.92
CA SER A 148 32.01 23.82 -4.63
C SER A 148 32.03 22.43 -4.03
N CYS A 149 30.87 21.83 -3.79
CA CYS A 149 30.77 20.59 -3.03
C CYS A 149 30.69 19.36 -3.92
N ILE A 150 31.09 18.23 -3.37
CA ILE A 150 30.93 16.93 -4.00
C ILE A 150 29.81 16.21 -3.25
N THR A 151 28.63 16.16 -3.86
CA THR A 151 27.51 15.46 -3.26
C THR A 151 27.09 14.29 -4.12
N LEU A 152 26.49 13.29 -3.49
CA LEU A 152 25.79 12.27 -4.25
C LEU A 152 24.59 12.90 -4.94
N CYS A 153 24.16 12.26 -6.03
CA CYS A 153 22.98 12.72 -6.75
C CYS A 153 22.27 11.53 -7.36
N SER A 154 21.02 11.31 -6.97
CA SER A 154 20.17 10.27 -7.55
C SER A 154 18.74 10.48 -7.08
N ASP A 155 17.83 9.80 -7.76
CA ASP A 155 16.43 9.76 -7.36
C ASP A 155 16.32 9.10 -5.98
N ILE A 156 15.12 9.16 -5.40
CA ILE A 156 14.86 8.52 -4.12
C ILE A 156 13.76 7.49 -4.32
N GLY A 157 14.04 6.25 -3.93
CA GLY A 157 13.08 5.17 -4.00
C GLY A 157 12.84 4.53 -2.65
N ARG A 158 12.09 3.42 -2.62
CA ARG A 158 11.73 2.76 -1.37
C ARG A 158 12.35 1.38 -1.32
N TYR A 159 12.80 0.99 -0.12
CA TYR A 159 13.43 -0.31 0.10
C TYR A 159 13.13 -0.78 1.51
N GLY A 160 13.04 -2.11 1.66
CA GLY A 160 12.63 -2.68 2.94
C GLY A 160 13.78 -2.79 3.92
N ASN A 161 13.44 -2.66 5.20
CA ASN A 161 14.43 -2.80 6.27
C ASN A 161 13.73 -2.96 7.61
N ASP A 162 14.06 -4.02 8.34
CA ASP A 162 13.61 -4.23 9.73
C ASP A 162 12.10 -4.17 9.86
N GLY A 163 11.40 -4.82 8.92
CA GLY A 163 9.95 -4.85 8.95
C GLY A 163 9.28 -3.54 8.60
N GLN A 164 10.02 -2.58 8.07
CA GLN A 164 9.48 -1.27 7.71
C GLN A 164 9.96 -0.87 6.33
N MET A 165 9.10 -0.13 5.63
CA MET A 165 9.43 0.38 4.30
C MET A 165 10.10 1.74 4.47
N ARG A 166 11.29 1.91 3.91
CA ARG A 166 12.10 3.10 4.14
C ARG A 166 12.50 3.73 2.81
N LEU A 167 12.99 4.96 2.89
CA LEU A 167 13.37 5.75 1.71
C LEU A 167 14.88 5.79 1.59
N ALA A 168 15.38 5.55 0.37
CA ALA A 168 16.82 5.50 0.14
C ALA A 168 17.13 6.09 -1.23
N LEU A 169 18.41 6.32 -1.47
CA LEU A 169 18.86 6.78 -2.77
C LEU A 169 18.89 5.61 -3.75
N ALA A 170 18.35 5.85 -4.95
CA ALA A 170 18.28 4.83 -5.99
C ALA A 170 18.13 5.52 -7.34
N GLU A 171 18.19 4.73 -8.40
CA GLU A 171 18.02 5.25 -9.75
C GLU A 171 16.56 5.34 -10.14
N SER A 172 15.76 4.35 -9.79
CA SER A 172 14.33 4.30 -10.14
C SER A 172 13.56 4.94 -8.99
N GLY A 173 13.14 6.19 -9.17
CA GLY A 173 12.44 6.89 -8.12
C GLY A 173 11.03 6.36 -7.91
N TRP A 174 10.55 6.50 -6.68
CA TRP A 174 9.19 6.02 -6.42
C TRP A 174 8.20 7.17 -6.52
N PRO A 175 7.04 6.96 -7.14
CA PRO A 175 6.10 8.06 -7.38
C PRO A 175 5.23 8.37 -6.18
N PHE A 176 4.90 9.66 -6.05
CA PHE A 176 4.05 10.15 -4.98
C PHE A 176 3.13 11.23 -5.52
N VAL A 177 2.10 11.54 -4.73
CA VAL A 177 1.20 12.65 -4.96
C VAL A 177 0.98 13.33 -3.61
N PHE A 178 0.32 14.48 -3.65
CA PHE A 178 0.15 15.32 -2.46
C PHE A 178 -1.32 15.59 -2.23
N LYS A 179 -1.77 15.40 -0.98
CA LYS A 179 -3.15 15.71 -0.59
C LYS A 179 -3.14 16.76 0.49
N LYS A 180 -3.81 17.89 0.25
CA LYS A 180 -3.84 18.97 1.21
C LYS A 180 -4.41 18.51 2.55
N ALA A 181 -3.80 18.97 3.64
CA ALA A 181 -4.25 18.60 4.98
C ALA A 181 -5.42 19.48 5.45
N LYS B 1 -5.78 10.22 32.47
CA LYS B 1 -5.44 10.10 33.89
C LYS B 1 -5.75 8.69 34.42
N ASN B 2 -5.85 7.74 33.49
CA ASN B 2 -6.25 6.38 33.80
C ASN B 2 -5.07 5.59 34.38
N GLU B 3 -5.40 4.45 35.00
CA GLU B 3 -4.37 3.63 35.63
C GLU B 3 -3.49 2.96 34.58
N PRO B 4 -2.18 2.96 34.79
CA PRO B 4 -1.27 2.37 33.79
C PRO B 4 -1.46 0.86 33.68
N VAL B 5 -1.29 0.36 32.46
CA VAL B 5 -1.13 -1.08 32.24
C VAL B 5 0.24 -1.49 32.76
N LEU B 6 0.32 -2.69 33.30
CA LEU B 6 1.58 -3.20 33.85
C LEU B 6 2.00 -4.49 33.15
N ASP B 7 3.29 -4.59 32.86
CA ASP B 7 3.86 -5.82 32.34
C ASP B 7 4.26 -6.74 33.50
N ILE B 8 4.82 -7.90 33.15
CA ILE B 8 5.12 -8.93 34.14
C ILE B 8 6.18 -8.48 35.14
N ASP B 9 6.95 -7.45 34.80
CA ASP B 9 7.97 -6.92 35.69
C ASP B 9 7.42 -5.94 36.72
N GLY B 10 6.11 -5.67 36.69
CA GLY B 10 5.52 -4.62 37.48
C GLY B 10 5.68 -3.23 36.91
N GLU B 11 6.23 -3.11 35.70
CA GLU B 11 6.57 -1.84 35.10
C GLU B 11 5.42 -1.38 34.20
N GLU B 12 5.09 -0.09 34.28
CA GLU B 12 4.01 0.44 33.48
C GLU B 12 4.40 0.51 32.00
N LEU B 13 3.48 0.12 31.13
CA LEU B 13 3.77 -0.01 29.71
C LEU B 13 4.07 1.34 29.07
N ARG B 14 5.04 1.35 28.18
CA ARG B 14 5.46 2.56 27.47
C ARG B 14 5.07 2.43 26.00
N ALA B 15 4.37 3.43 25.49
CA ALA B 15 4.07 3.46 24.06
C ALA B 15 5.36 3.53 23.26
N GLY B 16 5.41 2.79 22.16
CA GLY B 16 6.59 2.69 21.35
C GLY B 16 7.50 1.53 21.71
N GLU B 17 7.43 1.05 22.95
CA GLU B 17 8.25 -0.07 23.37
C GLU B 17 7.59 -1.39 23.00
N GLN B 18 8.42 -2.37 22.68
CA GLN B 18 7.97 -3.65 22.16
C GLN B 18 7.67 -4.61 23.30
N TYR B 19 6.50 -5.25 23.23
CA TYR B 19 6.07 -6.20 24.24
C TYR B 19 5.50 -7.45 23.58
N TYR B 20 6.01 -8.61 24.00
CA TYR B 20 5.32 -9.87 23.74
C TYR B 20 3.98 -9.85 24.46
N VAL B 21 2.93 -10.30 23.77
CA VAL B 21 1.61 -10.50 24.36
C VAL B 21 1.46 -12.00 24.55
N VAL B 22 1.51 -12.46 25.80
CA VAL B 22 1.62 -13.88 26.11
C VAL B 22 0.40 -14.30 26.92
N SER B 23 -0.07 -15.51 26.69
CA SER B 23 -1.25 -16.01 27.41
C SER B 23 -1.02 -16.00 28.91
N ALA B 24 -1.96 -15.40 29.65
CA ALA B 24 -1.92 -15.48 31.10
C ALA B 24 -2.23 -16.88 31.61
N ILE B 25 -2.79 -17.74 30.77
CA ILE B 25 -3.02 -19.15 31.08
C ILE B 25 -2.11 -19.97 30.19
N TRP B 26 -1.19 -20.72 30.82
CA TRP B 26 -0.21 -21.52 30.11
C TRP B 26 -0.75 -22.95 29.92
N GLY B 27 0.11 -23.86 29.49
CA GLY B 27 -0.31 -25.22 29.24
C GLY B 27 -1.11 -25.36 27.95
N PRO B 28 -2.42 -25.63 28.08
CA PRO B 28 -3.30 -25.59 26.92
C PRO B 28 -3.85 -24.21 26.59
N GLY B 29 -3.69 -23.23 27.48
CA GLY B 29 -4.01 -21.86 27.14
C GLY B 29 -3.06 -21.25 26.13
N GLY B 30 -1.98 -21.95 25.78
CA GLY B 30 -1.09 -21.52 24.72
C GLY B 30 -0.06 -20.51 25.19
N GLY B 31 0.74 -20.06 24.22
CA GLY B 31 1.78 -19.09 24.47
C GLY B 31 1.39 -17.68 24.08
N GLY B 32 2.18 -17.06 23.19
CA GLY B 32 1.96 -15.69 22.80
C GLY B 32 1.32 -15.56 21.43
N LEU B 33 0.92 -14.33 21.12
CA LEU B 33 0.37 -14.01 19.80
C LEU B 33 1.48 -13.72 18.81
N ALA B 34 1.17 -13.95 17.53
CA ALA B 34 2.10 -13.69 16.44
C ALA B 34 1.29 -13.56 15.16
N LEU B 35 2.01 -13.34 14.06
CA LEU B 35 1.40 -13.25 12.74
C LEU B 35 1.35 -14.63 12.09
N GLY B 36 0.17 -15.04 11.66
CA GLY B 36 -0.01 -16.20 10.83
C GLY B 36 -0.70 -15.79 9.53
N ARG B 37 -0.85 -16.76 8.64
CA ARG B 37 -1.54 -16.52 7.39
C ARG B 37 -2.56 -17.62 7.13
N LEU B 38 -3.67 -17.23 6.51
CA LEU B 38 -4.74 -18.15 6.15
C LEU B 38 -4.41 -18.89 4.86
N THR B 39 -5.17 -19.95 4.60
CA THR B 39 -4.99 -20.71 3.37
C THR B 39 -5.56 -19.95 2.16
N ASP B 40 -6.75 -19.37 2.30
CA ASP B 40 -7.39 -18.63 1.23
C ASP B 40 -7.10 -17.13 1.28
N GLN B 41 -6.04 -16.74 1.98
CA GLN B 41 -5.62 -15.35 2.03
C GLN B 41 -4.16 -15.32 2.46
N LYS B 42 -3.27 -14.99 1.54
CA LYS B 42 -1.87 -14.85 1.91
C LYS B 42 -1.58 -13.49 2.52
N CYS B 43 -2.31 -12.45 2.10
CA CYS B 43 -2.19 -11.12 2.64
C CYS B 43 -3.57 -10.47 2.68
N PRO B 44 -3.86 -9.67 3.73
CA PRO B 44 -3.00 -9.37 4.89
C PRO B 44 -2.92 -10.55 5.85
N GLU B 45 -1.96 -10.52 6.77
CA GLU B 45 -1.84 -11.60 7.74
C GLU B 45 -2.91 -11.48 8.82
N ILE B 46 -2.96 -12.49 9.68
CA ILE B 46 -3.95 -12.55 10.76
C ILE B 46 -3.22 -12.74 12.09
N VAL B 47 -3.91 -12.37 13.17
CA VAL B 47 -3.39 -12.52 14.52
C VAL B 47 -3.71 -13.94 14.99
N VAL B 48 -2.66 -14.72 15.27
CA VAL B 48 -2.80 -16.10 15.72
C VAL B 48 -2.01 -16.27 17.02
N GLN B 49 -2.10 -17.47 17.59
CA GLN B 49 -1.37 -17.78 18.81
C GLN B 49 -0.67 -19.12 18.64
N ARG B 50 0.53 -19.23 19.21
CA ARG B 50 1.30 -20.47 19.15
C ARG B 50 0.75 -21.48 20.14
N ARG B 51 0.70 -22.74 19.71
CA ARG B 51 0.25 -23.81 20.60
C ARG B 51 1.20 -23.99 21.77
N SER B 52 2.50 -23.95 21.52
CA SER B 52 3.48 -24.08 22.59
C SER B 52 3.43 -22.86 23.50
N ASP B 53 3.41 -23.11 24.82
CA ASP B 53 3.39 -22.05 25.82
C ASP B 53 4.78 -21.51 26.14
N SER B 54 5.83 -22.07 25.53
CA SER B 54 7.17 -21.48 25.61
C SER B 54 7.41 -20.47 24.50
N ASP B 55 6.48 -20.31 23.57
CA ASP B 55 6.63 -19.41 22.43
C ASP B 55 5.87 -18.12 22.73
N TYR B 56 6.60 -17.00 22.73
CA TYR B 56 6.01 -15.69 22.98
C TYR B 56 5.62 -14.97 21.70
N GLY B 57 5.83 -15.59 20.54
CA GLY B 57 5.28 -15.05 19.30
C GLY B 57 6.02 -13.82 18.83
N THR B 58 5.25 -12.81 18.44
CA THR B 58 5.77 -11.59 17.84
C THR B 58 5.44 -10.38 18.70
N PRO B 59 6.42 -9.57 19.09
CA PRO B 59 6.14 -8.42 19.97
C PRO B 59 5.30 -7.38 19.25
N VAL B 60 4.77 -6.44 20.05
CA VAL B 60 3.95 -5.36 19.52
C VAL B 60 4.39 -4.03 20.13
N ILE B 61 4.10 -2.97 19.39
CA ILE B 61 4.23 -1.59 19.84
C ILE B 61 2.84 -0.97 19.92
N PHE B 62 2.59 -0.25 21.01
CA PHE B 62 1.32 0.43 21.20
C PHE B 62 1.46 1.91 20.85
N HIS B 63 0.58 2.39 20.00
CA HIS B 63 0.57 3.78 19.55
C HIS B 63 -0.62 4.47 20.18
N ASN B 64 -0.35 5.56 20.90
CA ASN B 64 -1.37 6.23 21.70
C ASN B 64 -2.27 7.10 20.84
N LEU B 65 -3.42 7.46 21.40
CA LEU B 65 -4.30 8.45 20.79
C LEU B 65 -3.59 9.79 20.73
N ASP B 66 -3.26 10.36 21.89
CA ASP B 66 -2.38 11.51 21.99
C ASP B 66 -1.04 10.99 22.49
N THR B 67 -0.06 10.97 21.60
CA THR B 67 1.26 10.44 21.92
C THR B 67 2.05 11.33 22.87
N LYS B 68 1.50 12.48 23.28
CA LYS B 68 2.12 13.24 24.36
C LYS B 68 2.24 12.42 25.63
N ASP B 69 1.34 11.44 25.82
CA ASP B 69 1.41 10.51 26.94
C ASP B 69 2.09 9.23 26.45
N ASP B 70 3.22 8.90 27.04
CA ASP B 70 3.98 7.70 26.67
C ASP B 70 3.60 6.48 27.50
N ILE B 71 2.59 6.59 28.36
CA ILE B 71 2.20 5.52 29.26
C ILE B 71 0.94 4.85 28.70
N VAL B 72 1.00 3.54 28.50
CA VAL B 72 -0.15 2.78 28.03
C VAL B 72 -1.08 2.54 29.22
N ARG B 73 -2.31 3.04 29.12
CA ARG B 73 -3.27 3.01 30.22
C ARG B 73 -4.45 2.10 29.88
N LEU B 74 -5.23 1.80 30.91
CA LEU B 74 -6.33 0.86 30.77
C LEU B 74 -7.58 1.54 30.23
N SER B 75 -8.39 0.77 29.50
CA SER B 75 -9.66 1.24 28.93
C SER B 75 -9.46 2.52 28.12
N THR B 76 -8.40 2.55 27.31
CA THR B 76 -8.10 3.66 26.43
C THR B 76 -7.91 3.16 25.01
N ASP B 77 -8.38 3.94 24.04
CA ASP B 77 -8.20 3.58 22.65
C ASP B 77 -6.75 3.72 22.24
N PHE B 78 -6.21 2.70 21.57
CA PHE B 78 -4.84 2.73 21.08
C PHE B 78 -4.75 1.82 19.87
N ASN B 79 -3.62 1.91 19.17
CA ASN B 79 -3.32 1.00 18.07
C ASN B 79 -2.27 -0.02 18.53
N VAL B 80 -2.52 -1.29 18.23
CA VAL B 80 -1.57 -2.36 18.51
C VAL B 80 -0.91 -2.71 17.18
N GLU B 81 0.42 -2.76 17.17
CA GLU B 81 1.16 -2.97 15.93
C GLU B 81 2.17 -4.09 16.13
N PHE B 82 1.99 -5.20 15.42
CA PHE B 82 2.99 -6.26 15.42
C PHE B 82 4.32 -5.72 14.88
N VAL B 83 5.41 -6.13 15.53
CA VAL B 83 6.74 -5.73 15.07
C VAL B 83 7.54 -7.00 14.85
N PRO B 84 7.45 -7.59 13.66
CA PRO B 84 8.02 -8.92 13.46
C PRO B 84 9.54 -8.90 13.37
N ILE B 85 10.13 -10.07 13.63
CA ILE B 85 11.56 -10.29 13.43
C ILE B 85 11.86 -10.95 12.07
N ARG B 86 10.89 -11.65 11.48
CA ARG B 86 11.03 -12.28 10.18
C ARG B 86 10.78 -11.28 9.06
N ASP B 87 11.20 -11.64 7.84
CA ASP B 87 10.93 -10.80 6.67
C ASP B 87 9.43 -10.76 6.38
N ARG B 88 9.00 -9.67 5.76
CA ARG B 88 7.57 -9.43 5.58
C ARG B 88 7.09 -10.19 4.34
N LEU B 89 6.28 -11.22 4.56
CA LEU B 89 5.61 -11.90 3.47
C LEU B 89 4.59 -11.02 2.78
N CYS B 90 4.16 -9.94 3.42
CA CYS B 90 3.08 -9.10 2.93
C CYS B 90 3.50 -7.64 2.94
N LEU B 91 2.94 -6.88 2.01
CA LEU B 91 3.19 -5.45 1.90
C LEU B 91 2.10 -4.62 2.57
N THR B 92 1.15 -5.25 3.24
CA THR B 92 0.15 -4.55 4.03
C THR B 92 0.61 -4.43 5.48
N SER B 93 0.00 -3.48 6.19
CA SER B 93 0.47 -3.14 7.52
C SER B 93 0.16 -4.25 8.52
N THR B 94 0.94 -4.27 9.60
CA THR B 94 0.74 -5.20 10.70
C THR B 94 0.05 -4.56 11.89
N VAL B 95 -0.84 -3.60 11.64
CA VAL B 95 -1.61 -2.93 12.69
C VAL B 95 -2.94 -3.66 12.87
N TRP B 96 -3.33 -3.88 14.12
CA TRP B 96 -4.56 -4.59 14.40
C TRP B 96 -5.77 -3.79 13.93
N LYS B 97 -6.69 -4.48 13.27
CA LYS B 97 -7.93 -3.86 12.81
C LYS B 97 -9.02 -4.91 12.85
N ILE B 98 -10.22 -4.50 13.24
CA ILE B 98 -11.36 -5.40 13.27
C ILE B 98 -11.87 -5.62 11.85
N ASP B 99 -11.91 -6.89 11.43
CA ASP B 99 -12.39 -7.25 10.11
C ASP B 99 -13.90 -7.01 10.01
N ASP B 100 -14.42 -7.14 8.79
CA ASP B 100 -15.86 -7.18 8.63
C ASP B 100 -16.38 -8.54 9.08
N TYR B 101 -17.70 -8.67 9.09
CA TYR B 101 -18.33 -9.88 9.61
C TYR B 101 -18.02 -11.08 8.72
N ASP B 102 -17.66 -12.21 9.36
CA ASP B 102 -17.34 -13.45 8.67
C ASP B 102 -18.61 -14.32 8.69
N THR B 103 -19.37 -14.27 7.59
CA THR B 103 -20.62 -15.03 7.51
C THR B 103 -20.40 -16.54 7.60
N SER B 104 -19.19 -17.00 7.25
CA SER B 104 -18.91 -18.44 7.31
C SER B 104 -18.63 -18.93 8.72
N THR B 105 -18.25 -18.04 9.65
CA THR B 105 -17.90 -18.46 11.00
C THR B 105 -18.72 -17.79 12.09
N GLY B 106 -19.34 -16.64 11.82
CA GLY B 106 -20.13 -15.97 12.82
C GLY B 106 -19.35 -15.18 13.84
N GLN B 107 -18.09 -14.87 13.57
CA GLN B 107 -17.25 -14.18 14.53
C GLN B 107 -16.57 -13.00 13.85
N TRP B 108 -16.33 -11.94 14.62
CA TRP B 108 -15.60 -10.78 14.14
C TRP B 108 -14.12 -11.01 14.41
N TRP B 109 -13.34 -11.22 13.35
CA TRP B 109 -11.93 -11.54 13.51
C TRP B 109 -11.11 -10.27 13.77
N VAL B 110 -10.05 -10.44 14.55
CA VAL B 110 -9.04 -9.40 14.70
C VAL B 110 -7.95 -9.69 13.68
N THR B 111 -7.74 -8.75 12.75
CA THR B 111 -6.79 -8.96 11.66
C THR B 111 -5.83 -7.78 11.54
N THR B 112 -5.00 -7.81 10.51
CA THR B 112 -3.98 -6.78 10.30
C THR B 112 -4.44 -5.80 9.21
N ASN B 113 -3.50 -4.96 8.76
CA ASN B 113 -3.76 -3.88 7.81
C ASN B 113 -4.57 -2.75 8.45
N GLY B 114 -4.30 -2.48 9.72
CA GLY B 114 -4.93 -1.40 10.45
C GLY B 114 -4.25 -0.08 10.18
N VAL B 115 -4.52 0.89 11.06
CA VAL B 115 -4.04 2.25 10.90
C VAL B 115 -3.42 2.74 12.20
N ILE B 116 -2.25 3.34 12.11
CA ILE B 116 -1.69 4.14 13.19
C ILE B 116 -2.18 5.57 13.04
N GLY B 117 -2.79 6.10 14.09
CA GLY B 117 -3.23 7.48 14.10
C GLY B 117 -4.52 7.70 13.32
N ASN B 118 -4.77 8.98 13.05
CA ASN B 118 -5.99 9.45 12.43
C ASN B 118 -7.24 8.93 13.15
N PRO B 119 -7.42 9.25 14.43
CA PRO B 119 -8.63 8.81 15.14
C PRO B 119 -9.87 9.45 14.53
N GLY B 120 -10.90 8.64 14.33
CA GLY B 120 -12.11 9.09 13.70
C GLY B 120 -12.80 7.97 12.95
N PRO B 121 -13.83 8.31 12.17
CA PRO B 121 -14.59 7.29 11.44
C PRO B 121 -13.74 6.46 10.48
N GLN B 122 -12.73 7.05 9.85
CA GLN B 122 -11.93 6.32 8.87
C GLN B 122 -11.17 5.17 9.51
N THR B 123 -10.81 5.31 10.79
CA THR B 123 -9.95 4.36 11.47
C THR B 123 -10.65 3.69 12.65
N LEU B 124 -11.98 3.69 12.65
CA LEU B 124 -12.73 3.18 13.80
C LEU B 124 -12.36 1.74 14.14
N GLN B 125 -11.99 0.95 13.15
CA GLN B 125 -11.69 -0.46 13.36
C GLN B 125 -10.25 -0.70 13.82
N SER B 126 -9.45 0.35 13.99
CA SER B 126 -8.04 0.21 14.33
C SER B 126 -7.74 0.55 15.78
N TRP B 127 -8.75 0.78 16.61
CA TRP B 127 -8.56 1.26 17.98
C TRP B 127 -9.01 0.21 18.97
N PHE B 128 -8.13 -0.11 19.92
CA PHE B 128 -8.37 -1.17 20.90
C PHE B 128 -8.14 -0.63 22.31
N LYS B 129 -8.58 -1.40 23.30
CA LYS B 129 -8.47 -1.06 24.70
C LYS B 129 -7.98 -2.27 25.49
N ILE B 130 -7.36 -2.00 26.64
CA ILE B 130 -6.96 -3.03 27.58
C ILE B 130 -7.73 -2.83 28.88
N GLU B 131 -8.29 -3.91 29.42
CA GLU B 131 -9.02 -3.90 30.68
C GLU B 131 -8.51 -5.05 31.54
N SER B 132 -9.03 -5.15 32.77
CA SER B 132 -8.65 -6.21 33.70
C SER B 132 -9.88 -6.82 34.39
N GLY B 133 -11.02 -6.81 33.71
CA GLY B 133 -12.27 -7.30 34.26
C GLY B 133 -12.43 -8.80 34.24
N ASN B 134 -12.39 -9.41 35.44
CA ASN B 134 -12.57 -10.84 35.69
C ASN B 134 -11.51 -11.69 35.00
N LEU B 135 -10.51 -11.06 34.39
CA LEU B 135 -9.36 -11.71 33.78
C LEU B 135 -8.08 -11.15 34.38
N GLY B 136 -6.95 -11.62 33.85
CA GLY B 136 -5.67 -11.01 34.15
C GLY B 136 -5.51 -9.70 33.42
N TYR B 137 -5.65 -9.76 32.09
CA TYR B 137 -5.65 -8.58 31.23
C TYR B 137 -6.34 -8.98 29.94
N LYS B 138 -7.26 -8.15 29.45
CA LYS B 138 -8.03 -8.49 28.25
C LYS B 138 -8.07 -7.33 27.28
N PHE B 139 -8.23 -7.67 26.00
CA PHE B 139 -8.44 -6.70 24.94
C PHE B 139 -9.93 -6.50 24.71
N ASN B 140 -10.35 -5.24 24.63
CA ASN B 140 -11.73 -4.87 24.38
C ASN B 140 -11.76 -3.89 23.21
N PHE B 141 -12.53 -4.22 22.18
CA PHE B 141 -12.72 -3.32 21.04
C PHE B 141 -13.99 -2.51 21.26
N CYS B 142 -13.83 -1.29 21.73
CA CYS B 142 -14.96 -0.36 21.89
C CYS B 142 -14.42 1.05 21.75
N PRO B 143 -14.11 1.47 20.52
CA PRO B 143 -13.46 2.77 20.33
C PRO B 143 -14.40 3.92 20.63
N SER B 144 -13.91 4.87 21.44
CA SER B 144 -14.62 6.10 21.76
C SER B 144 -14.19 7.27 20.89
N VAL B 145 -13.43 7.00 19.82
CA VAL B 145 -12.84 8.05 19.00
C VAL B 145 -13.89 8.87 18.27
N CYS B 146 -15.09 8.33 18.08
CA CYS B 146 -16.14 8.97 17.29
C CYS B 146 -17.44 8.86 18.07
N GLU B 147 -17.82 9.94 18.76
CA GLU B 147 -18.98 9.85 19.65
C GLU B 147 -20.30 9.74 18.90
N SER B 148 -20.34 10.15 17.63
CA SER B 148 -21.55 9.99 16.83
C SER B 148 -21.59 8.66 16.11
N CYS B 149 -20.52 7.88 16.14
CA CYS B 149 -20.47 6.60 15.45
C CYS B 149 -21.14 5.52 16.29
N ILE B 150 -21.57 4.46 15.61
CA ILE B 150 -22.02 3.24 16.27
C ILE B 150 -20.97 2.18 16.05
N THR B 151 -20.46 1.61 17.13
CA THR B 151 -19.41 0.62 17.05
C THR B 151 -19.79 -0.64 17.81
N LEU B 152 -19.20 -1.75 17.41
CA LEU B 152 -19.25 -2.95 18.23
C LEU B 152 -18.53 -2.67 19.55
N CYS B 153 -18.97 -3.35 20.61
CA CYS B 153 -18.43 -3.07 21.95
C CYS B 153 -18.52 -4.35 22.77
N SER B 154 -17.41 -5.08 22.86
CA SER B 154 -17.37 -6.35 23.57
C SER B 154 -15.92 -6.76 23.80
N ASP B 155 -15.76 -7.83 24.59
CA ASP B 155 -14.44 -8.38 24.86
C ASP B 155 -13.87 -9.04 23.61
N ILE B 156 -12.61 -9.46 23.71
CA ILE B 156 -11.92 -10.13 22.61
C ILE B 156 -11.32 -11.42 23.16
N GLY B 157 -11.77 -12.56 22.63
CA GLY B 157 -11.27 -13.85 23.06
C GLY B 157 -10.70 -14.67 21.92
N ARG B 158 -10.52 -15.97 22.15
CA ARG B 158 -9.88 -16.85 21.17
C ARG B 158 -10.85 -17.92 20.72
N TYR B 159 -10.76 -18.28 19.44
CA TYR B 159 -11.56 -19.35 18.85
C TYR B 159 -10.75 -20.09 17.81
N GLY B 160 -11.09 -21.36 17.63
CA GLY B 160 -10.39 -22.19 16.65
C GLY B 160 -10.90 -21.92 15.26
N ASN B 161 -9.98 -21.69 14.33
CA ASN B 161 -10.31 -21.44 12.93
C ASN B 161 -9.26 -22.13 12.07
N ASP B 162 -9.67 -23.23 11.42
CA ASP B 162 -8.87 -23.92 10.42
C ASP B 162 -7.43 -24.17 10.90
N GLY B 163 -7.35 -24.89 12.02
CA GLY B 163 -6.07 -25.28 12.57
C GLY B 163 -5.27 -24.17 13.23
N GLN B 164 -5.82 -22.96 13.32
CA GLN B 164 -5.13 -21.86 13.98
C GLN B 164 -6.00 -21.28 15.08
N MET B 165 -5.37 -20.92 16.20
CA MET B 165 -6.07 -20.18 17.25
C MET B 165 -6.14 -18.73 16.81
N ARG B 166 -7.33 -18.25 16.48
CA ARG B 166 -7.51 -16.88 16.05
C ARG B 166 -8.20 -16.07 17.12
N LEU B 167 -8.07 -14.75 17.00
CA LEU B 167 -8.72 -13.82 17.91
C LEU B 167 -10.02 -13.33 17.29
N ALA B 168 -11.08 -13.30 18.10
CA ALA B 168 -12.38 -12.84 17.64
C ALA B 168 -13.09 -12.12 18.78
N LEU B 169 -13.98 -11.20 18.42
CA LEU B 169 -14.83 -10.59 19.43
C LEU B 169 -15.64 -11.68 20.13
N ALA B 170 -15.60 -11.66 21.46
CA ALA B 170 -16.27 -12.67 22.25
C ALA B 170 -16.75 -12.02 23.54
N GLU B 171 -17.79 -12.61 24.12
CA GLU B 171 -18.25 -12.16 25.43
C GLU B 171 -17.26 -12.55 26.52
N SER B 172 -16.80 -13.79 26.51
CA SER B 172 -15.83 -14.28 27.48
C SER B 172 -14.44 -13.96 26.95
N GLY B 173 -13.87 -12.85 27.42
CA GLY B 173 -12.56 -12.45 26.97
C GLY B 173 -11.49 -13.46 27.32
N TRP B 174 -10.29 -13.20 26.82
CA TRP B 174 -9.18 -14.07 27.15
C TRP B 174 -8.08 -13.28 27.84
N PRO B 175 -7.48 -13.84 28.90
CA PRO B 175 -6.48 -13.10 29.68
C PRO B 175 -5.08 -13.18 29.11
N PHE B 176 -4.39 -12.04 29.12
CA PHE B 176 -3.04 -11.93 28.61
C PHE B 176 -2.13 -11.27 29.63
N VAL B 177 -0.84 -11.26 29.31
CA VAL B 177 0.19 -10.54 30.04
C VAL B 177 1.17 -9.98 29.02
N PHE B 178 1.94 -8.99 29.46
CA PHE B 178 2.85 -8.25 28.59
C PHE B 178 4.28 -8.43 29.06
N LYS B 179 5.21 -8.60 28.12
CA LYS B 179 6.60 -8.91 28.44
C LYS B 179 7.53 -8.07 27.59
N LYS B 180 8.39 -7.28 28.22
CA LYS B 180 9.37 -6.49 27.47
C LYS B 180 10.27 -7.42 26.66
N ALA B 181 10.51 -7.06 25.39
CA ALA B 181 11.27 -7.93 24.50
C ALA B 181 12.72 -8.07 24.96
N SER B 182 13.39 -6.93 25.20
CA SER B 182 14.79 -6.88 25.63
C SER B 182 15.69 -7.92 24.95
N LYS C 1 5.71 -23.08 -16.36
CA LYS C 1 6.27 -23.11 -15.01
C LYS C 1 6.74 -21.71 -14.57
N ASN C 2 6.22 -20.68 -15.24
CA ASN C 2 6.55 -19.32 -14.87
C ASN C 2 5.84 -18.93 -13.57
N GLU C 3 6.27 -17.81 -13.00
CA GLU C 3 5.76 -17.37 -11.71
C GLU C 3 4.30 -16.97 -11.82
N PRO C 4 3.48 -17.30 -10.83
CA PRO C 4 2.04 -17.00 -10.93
C PRO C 4 1.76 -15.51 -10.82
N VAL C 5 0.73 -15.07 -11.55
CA VAL C 5 0.24 -13.70 -11.45
C VAL C 5 -0.59 -13.58 -10.19
N LEU C 6 -0.33 -12.53 -9.41
CA LEU C 6 -0.92 -12.37 -8.08
C LEU C 6 -1.91 -11.22 -8.09
N ASP C 7 -3.08 -11.43 -7.49
CA ASP C 7 -4.09 -10.39 -7.36
C ASP C 7 -3.79 -9.53 -6.12
N ILE C 8 -4.73 -8.65 -5.76
CA ILE C 8 -4.52 -7.77 -4.61
C ILE C 8 -4.36 -8.58 -3.32
N ASP C 9 -5.06 -9.70 -3.23
CA ASP C 9 -5.14 -10.47 -1.99
C ASP C 9 -3.91 -11.38 -1.77
N GLY C 10 -2.84 -11.22 -2.55
CA GLY C 10 -1.69 -12.10 -2.45
C GLY C 10 -1.89 -13.46 -3.10
N GLU C 11 -2.98 -13.63 -3.83
CA GLU C 11 -3.36 -14.92 -4.39
C GLU C 11 -2.93 -15.01 -5.85
N GLU C 12 -2.42 -16.17 -6.24
CA GLU C 12 -2.14 -16.39 -7.66
C GLU C 12 -3.44 -16.36 -8.45
N LEU C 13 -3.39 -15.67 -9.59
CA LEU C 13 -4.58 -15.56 -10.45
C LEU C 13 -4.97 -16.93 -10.98
N ARG C 14 -6.27 -17.22 -10.93
CA ARG C 14 -6.80 -18.49 -11.36
C ARG C 14 -7.56 -18.31 -12.67
N ALA C 15 -7.25 -19.15 -13.65
CA ALA C 15 -8.04 -19.17 -14.87
C ALA C 15 -9.49 -19.47 -14.55
N GLY C 16 -10.40 -18.68 -15.10
CA GLY C 16 -11.83 -18.86 -14.91
C GLY C 16 -12.45 -17.96 -13.86
N GLU C 17 -11.65 -17.36 -13.00
CA GLU C 17 -12.17 -16.53 -11.92
C GLU C 17 -12.43 -15.12 -12.42
N GLN C 18 -13.56 -14.55 -11.99
CA GLN C 18 -13.86 -13.15 -12.29
C GLN C 18 -12.91 -12.25 -11.51
N TYR C 19 -12.23 -11.35 -12.22
CA TYR C 19 -11.37 -10.35 -11.59
C TYR C 19 -11.67 -8.98 -12.18
N TYR C 20 -11.63 -7.95 -11.32
CA TYR C 20 -11.63 -6.57 -11.75
C TYR C 20 -10.19 -6.15 -11.99
N VAL C 21 -9.94 -5.49 -13.12
CA VAL C 21 -8.61 -4.99 -13.48
C VAL C 21 -8.64 -3.48 -13.32
N VAL C 22 -7.85 -2.96 -12.37
CA VAL C 22 -7.95 -1.56 -11.97
C VAL C 22 -6.57 -0.94 -11.98
N SER C 23 -6.49 0.32 -12.42
CA SER C 23 -5.23 1.06 -12.44
C SER C 23 -4.52 0.98 -11.09
N ALA C 24 -3.25 0.57 -11.13
CA ALA C 24 -2.43 0.58 -9.93
C ALA C 24 -2.07 2.00 -9.49
N ILE C 25 -2.38 2.99 -10.30
CA ILE C 25 -2.23 4.40 -9.96
C ILE C 25 -3.63 4.95 -9.70
N TRP C 26 -3.85 5.47 -8.50
CA TRP C 26 -5.12 6.04 -8.13
C TRP C 26 -5.08 7.55 -8.36
N GLY C 27 -6.18 8.23 -8.04
CA GLY C 27 -6.29 9.65 -8.24
C GLY C 27 -6.62 9.98 -9.68
N PRO C 28 -5.68 10.61 -10.38
CA PRO C 28 -5.86 10.83 -11.83
C PRO C 28 -5.65 9.57 -12.65
N GLY C 29 -5.08 8.51 -12.07
CA GLY C 29 -4.93 7.25 -12.77
C GLY C 29 -6.23 6.55 -13.08
N GLY C 30 -7.34 7.03 -12.54
CA GLY C 30 -8.63 6.43 -12.81
C GLY C 30 -8.82 5.10 -12.11
N GLY C 31 -9.80 4.34 -12.60
CA GLY C 31 -10.15 3.08 -11.97
C GLY C 31 -10.02 1.85 -12.85
N GLY C 32 -11.12 1.14 -13.03
CA GLY C 32 -11.10 -0.15 -13.70
C GLY C 32 -11.55 -0.07 -15.15
N LEU C 33 -11.41 -1.19 -15.83
CA LEU C 33 -11.74 -1.31 -17.24
C LEU C 33 -13.16 -1.83 -17.40
N ALA C 34 -13.82 -1.41 -18.48
CA ALA C 34 -15.22 -1.74 -18.71
C ALA C 34 -15.51 -1.72 -20.20
N LEU C 35 -16.71 -2.17 -20.55
CA LEU C 35 -17.19 -2.11 -21.92
C LEU C 35 -17.76 -0.72 -22.20
N GLY C 36 -17.21 -0.05 -23.21
CA GLY C 36 -17.72 1.24 -23.65
C GLY C 36 -18.07 1.17 -25.12
N ARG C 37 -18.69 2.25 -25.60
CA ARG C 37 -19.09 2.36 -26.99
C ARG C 37 -18.65 3.71 -27.55
N LEU C 38 -18.27 3.72 -28.82
CA LEU C 38 -17.79 4.93 -29.47
C LEU C 38 -18.94 5.70 -30.13
N THR C 39 -18.60 6.90 -30.61
CA THR C 39 -19.60 7.77 -31.23
C THR C 39 -20.14 7.16 -32.52
N ASP C 40 -19.26 6.74 -33.42
CA ASP C 40 -19.65 6.23 -34.72
C ASP C 40 -19.75 4.71 -34.80
N GLN C 41 -19.43 4.00 -33.72
CA GLN C 41 -19.46 2.54 -33.70
C GLN C 41 -20.15 2.07 -32.42
N LYS C 42 -21.24 1.34 -32.58
CA LYS C 42 -21.90 0.73 -31.43
C LYS C 42 -21.40 -0.69 -31.17
N CYS C 43 -21.03 -1.43 -32.23
CA CYS C 43 -20.53 -2.79 -32.09
C CYS C 43 -19.31 -2.99 -32.99
N PRO C 44 -18.26 -3.68 -32.50
CA PRO C 44 -18.11 -4.24 -31.15
C PRO C 44 -17.82 -3.20 -30.06
N GLU C 45 -18.12 -3.50 -28.80
CA GLU C 45 -17.76 -2.59 -27.73
C GLU C 45 -16.25 -2.57 -27.55
N ILE C 46 -15.76 -1.44 -27.05
CA ILE C 46 -14.33 -1.24 -26.87
C ILE C 46 -14.01 -1.34 -25.38
N VAL C 47 -12.73 -1.53 -25.10
CA VAL C 47 -12.25 -1.52 -23.72
C VAL C 47 -12.00 -0.07 -23.33
N VAL C 48 -12.60 0.38 -22.22
CA VAL C 48 -12.42 1.74 -21.74
C VAL C 48 -12.11 1.72 -20.25
N GLN C 49 -11.81 2.90 -19.71
CA GLN C 49 -11.53 3.07 -18.29
C GLN C 49 -12.43 4.16 -17.73
N ARG C 50 -13.07 3.87 -16.60
CA ARG C 50 -13.89 4.85 -15.92
C ARG C 50 -13.00 5.86 -15.18
N ARG C 51 -13.37 7.14 -15.27
CA ARG C 51 -12.51 8.18 -14.71
C ARG C 51 -12.47 8.12 -13.19
N SER C 52 -13.56 7.73 -12.55
CA SER C 52 -13.57 7.59 -11.09
C SER C 52 -12.73 6.39 -10.70
N ASP C 53 -11.72 6.61 -9.86
CA ASP C 53 -10.94 5.50 -9.33
C ASP C 53 -11.76 4.60 -8.41
N SER C 54 -13.02 4.94 -8.17
CA SER C 54 -13.95 4.12 -7.40
C SER C 54 -14.72 3.11 -8.24
N ASP C 55 -14.70 3.25 -9.57
CA ASP C 55 -15.46 2.38 -10.46
C ASP C 55 -14.53 1.28 -10.96
N TYR C 56 -14.60 0.10 -10.35
CA TYR C 56 -13.78 -1.03 -10.77
C TYR C 56 -14.16 -1.54 -12.15
N GLY C 57 -15.29 -1.11 -12.70
CA GLY C 57 -15.66 -1.43 -14.06
C GLY C 57 -16.40 -2.75 -14.22
N THR C 58 -16.03 -3.48 -15.26
CA THR C 58 -16.64 -4.76 -15.60
C THR C 58 -15.68 -5.90 -15.29
N PRO C 59 -16.10 -6.92 -14.54
CA PRO C 59 -15.21 -8.06 -14.28
C PRO C 59 -14.89 -8.79 -15.56
N VAL C 60 -13.77 -9.52 -15.54
CA VAL C 60 -13.28 -10.26 -16.70
C VAL C 60 -12.83 -11.64 -16.25
N ILE C 61 -12.62 -12.52 -17.24
CA ILE C 61 -12.10 -13.86 -17.01
C ILE C 61 -11.00 -14.17 -18.01
N PHE C 62 -9.94 -14.81 -17.52
CA PHE C 62 -8.78 -15.21 -18.30
C PHE C 62 -9.03 -16.58 -18.94
N HIS C 63 -8.41 -16.80 -20.09
CA HIS C 63 -8.49 -18.09 -20.78
C HIS C 63 -7.07 -18.49 -21.20
N ASN C 64 -6.51 -19.47 -20.52
CA ASN C 64 -5.11 -19.84 -20.73
C ASN C 64 -4.94 -20.51 -22.09
N LEU C 65 -3.66 -20.71 -22.45
CA LEU C 65 -3.29 -21.49 -23.63
C LEU C 65 -3.72 -22.94 -23.48
N ASP C 66 -3.13 -23.65 -22.52
CA ASP C 66 -3.50 -25.03 -22.23
C ASP C 66 -4.67 -25.01 -21.25
N THR C 67 -5.80 -25.58 -21.68
CA THR C 67 -7.05 -25.48 -20.93
C THR C 67 -7.04 -26.20 -19.60
N LYS C 68 -5.91 -26.79 -19.19
CA LYS C 68 -5.82 -27.53 -17.94
C LYS C 68 -4.99 -26.84 -16.87
N ASP C 69 -3.96 -26.07 -17.24
CA ASP C 69 -3.23 -25.27 -16.25
C ASP C 69 -4.12 -24.12 -15.79
N ASP C 70 -4.53 -24.16 -14.53
CA ASP C 70 -5.43 -23.15 -13.98
C ASP C 70 -4.70 -21.94 -13.41
N ILE C 71 -3.37 -21.94 -13.43
CA ILE C 71 -2.58 -20.86 -12.86
C ILE C 71 -2.27 -19.84 -13.95
N VAL C 72 -2.76 -18.62 -13.78
CA VAL C 72 -2.44 -17.52 -14.69
C VAL C 72 -1.01 -17.06 -14.41
N ARG C 73 -0.14 -17.21 -15.39
CA ARG C 73 1.29 -17.01 -15.20
C ARG C 73 1.77 -15.88 -16.09
N LEU C 74 3.02 -15.47 -15.87
CA LEU C 74 3.60 -14.30 -16.52
C LEU C 74 4.21 -14.67 -17.87
N SER C 75 4.18 -13.71 -18.79
CA SER C 75 4.77 -13.87 -20.12
C SER C 75 4.24 -15.12 -20.81
N THR C 76 2.94 -15.36 -20.68
CA THR C 76 2.28 -16.49 -21.30
C THR C 76 1.01 -16.01 -21.99
N ASP C 77 0.76 -16.54 -23.18
CA ASP C 77 -0.37 -16.07 -23.98
C ASP C 77 -1.70 -16.53 -23.38
N PHE C 78 -2.69 -15.65 -23.45
CA PHE C 78 -4.02 -15.94 -22.93
C PHE C 78 -5.04 -15.06 -23.65
N ASN C 79 -6.27 -15.55 -23.74
CA ASN C 79 -7.37 -14.70 -24.13
C ASN C 79 -7.95 -14.02 -22.88
N VAL C 80 -8.58 -12.87 -23.11
CA VAL C 80 -9.23 -12.12 -22.04
C VAL C 80 -10.65 -11.85 -22.48
N GLU C 81 -11.61 -12.04 -21.57
CA GLU C 81 -13.01 -11.83 -21.93
C GLU C 81 -13.69 -10.99 -20.85
N PHE C 82 -14.27 -9.87 -21.27
CA PHE C 82 -15.12 -9.07 -20.38
C PHE C 82 -16.32 -9.91 -19.92
N VAL C 83 -16.74 -9.68 -18.68
CA VAL C 83 -17.90 -10.38 -18.13
C VAL C 83 -18.92 -9.32 -17.73
N PRO C 84 -19.67 -8.77 -18.68
CA PRO C 84 -20.67 -7.76 -18.34
C PRO C 84 -21.83 -8.36 -17.55
N ILE C 85 -21.95 -7.97 -16.28
CA ILE C 85 -23.18 -8.25 -15.56
C ILE C 85 -24.31 -7.37 -16.07
N ARG C 86 -23.98 -6.39 -16.90
CA ARG C 86 -24.96 -5.65 -17.69
C ARG C 86 -25.40 -6.48 -18.89
N ASP C 87 -26.58 -6.16 -19.42
CA ASP C 87 -27.04 -6.80 -20.63
C ASP C 87 -26.08 -6.52 -21.79
N ARG C 88 -25.90 -7.53 -22.64
CA ARG C 88 -24.92 -7.42 -23.70
C ARG C 88 -25.49 -6.56 -24.81
N LEU C 89 -24.88 -5.40 -25.03
CA LEU C 89 -25.38 -4.44 -26.01
C LEU C 89 -25.14 -4.86 -27.46
N CYS C 90 -24.33 -5.90 -27.70
CA CYS C 90 -23.90 -6.23 -29.05
C CYS C 90 -23.92 -7.73 -29.31
N LEU C 91 -23.81 -8.07 -30.60
CA LEU C 91 -23.68 -9.46 -31.04
C LEU C 91 -22.23 -9.90 -31.19
N THR C 92 -21.30 -8.97 -31.23
CA THR C 92 -19.87 -9.29 -31.21
C THR C 92 -19.44 -9.67 -29.79
N SER C 93 -18.22 -10.15 -29.66
CA SER C 93 -17.79 -10.72 -28.39
C SER C 93 -17.27 -9.64 -27.45
N THR C 94 -17.04 -10.04 -26.20
CA THR C 94 -16.31 -9.25 -25.23
C THR C 94 -14.84 -9.65 -25.13
N VAL C 95 -14.37 -10.52 -26.01
CA VAL C 95 -13.01 -11.03 -25.95
C VAL C 95 -12.05 -9.96 -26.48
N TRP C 96 -10.98 -9.70 -25.74
CA TRP C 96 -10.04 -8.68 -26.14
C TRP C 96 -9.30 -9.07 -27.42
N LYS C 97 -9.12 -8.07 -28.29
CA LYS C 97 -8.50 -8.27 -29.59
C LYS C 97 -7.93 -6.94 -30.03
N ILE C 98 -6.72 -6.97 -30.58
CA ILE C 98 -6.11 -5.74 -31.06
C ILE C 98 -6.80 -5.31 -32.34
N ASP C 99 -7.31 -4.08 -32.36
CA ASP C 99 -7.97 -3.55 -33.54
C ASP C 99 -6.94 -3.28 -34.64
N ASP C 100 -7.43 -3.18 -35.88
CA ASP C 100 -6.54 -2.86 -36.99
C ASP C 100 -5.97 -1.45 -36.83
N TYR C 101 -4.95 -1.16 -37.64
CA TYR C 101 -4.25 0.12 -37.52
C TYR C 101 -5.20 1.28 -37.76
N ASP C 102 -5.16 2.26 -36.86
CA ASP C 102 -6.03 3.43 -36.94
C ASP C 102 -5.22 4.54 -37.60
N THR C 103 -5.45 4.75 -38.90
CA THR C 103 -4.70 5.76 -39.64
C THR C 103 -4.95 7.17 -39.12
N SER C 104 -6.09 7.40 -38.47
CA SER C 104 -6.42 8.72 -37.95
C SER C 104 -5.64 9.07 -36.69
N THR C 105 -5.23 8.07 -35.91
CA THR C 105 -4.57 8.30 -34.64
C THR C 105 -3.20 7.65 -34.52
N GLY C 106 -2.82 6.77 -35.44
CA GLY C 106 -1.58 6.03 -35.30
C GLY C 106 -1.57 5.16 -34.06
N GLN C 107 -2.70 4.53 -33.74
CA GLN C 107 -2.86 3.77 -32.51
C GLN C 107 -3.42 2.38 -32.84
N TRP C 108 -2.80 1.36 -32.27
CA TRP C 108 -3.32 0.00 -32.37
C TRP C 108 -4.25 -0.19 -31.18
N TRP C 109 -5.53 0.09 -31.40
CA TRP C 109 -6.47 0.08 -30.30
C TRP C 109 -6.67 -1.33 -29.76
N VAL C 110 -7.15 -1.38 -28.53
CA VAL C 110 -7.71 -2.60 -27.95
C VAL C 110 -9.21 -2.50 -28.04
N THR C 111 -9.82 -3.46 -28.74
CA THR C 111 -11.26 -3.53 -28.87
C THR C 111 -11.72 -4.92 -28.43
N THR C 112 -12.97 -5.26 -28.70
CA THR C 112 -13.47 -6.60 -28.45
C THR C 112 -13.82 -7.24 -29.78
N ASN C 113 -14.56 -8.36 -29.74
CA ASN C 113 -14.82 -9.24 -30.88
C ASN C 113 -13.63 -10.15 -31.13
N GLY C 114 -12.85 -10.41 -30.08
CA GLY C 114 -11.79 -11.40 -30.14
C GLY C 114 -12.33 -12.81 -30.06
N VAL C 115 -11.42 -13.78 -30.05
CA VAL C 115 -11.77 -15.19 -30.04
C VAL C 115 -11.01 -15.90 -28.93
N ILE C 116 -11.73 -16.65 -28.11
CA ILE C 116 -11.11 -17.55 -27.14
C ILE C 116 -10.66 -18.81 -27.87
N GLY C 117 -9.41 -19.21 -27.62
CA GLY C 117 -8.93 -20.48 -28.12
C GLY C 117 -8.53 -20.46 -29.58
N ASN C 118 -8.21 -21.66 -30.07
CA ASN C 118 -7.66 -21.91 -31.40
C ASN C 118 -6.37 -21.13 -31.60
N PRO C 119 -5.29 -21.49 -30.90
CA PRO C 119 -4.04 -20.74 -31.06
C PRO C 119 -3.47 -20.90 -32.46
N GLY C 120 -2.91 -19.81 -32.98
CA GLY C 120 -2.38 -19.78 -34.32
C GLY C 120 -2.78 -18.53 -35.08
N PRO C 121 -2.69 -18.59 -36.41
CA PRO C 121 -2.99 -17.40 -37.23
C PRO C 121 -4.40 -16.87 -37.07
N GLN C 122 -5.41 -17.73 -36.92
CA GLN C 122 -6.79 -17.27 -36.92
C GLN C 122 -7.10 -16.38 -35.72
N THR C 123 -6.43 -16.61 -34.59
CA THR C 123 -6.77 -15.92 -33.35
C THR C 123 -5.59 -15.12 -32.79
N LEU C 124 -4.59 -14.82 -33.63
CA LEU C 124 -3.37 -14.18 -33.16
C LEU C 124 -3.66 -12.87 -32.42
N GLN C 125 -4.74 -12.20 -32.78
CA GLN C 125 -5.04 -10.90 -32.22
C GLN C 125 -5.68 -10.97 -30.82
N SER C 126 -6.01 -12.16 -30.33
CA SER C 126 -6.66 -12.30 -29.03
C SER C 126 -5.73 -12.84 -27.95
N TRP C 127 -4.43 -12.93 -28.22
CA TRP C 127 -3.48 -13.55 -27.30
C TRP C 127 -2.59 -12.48 -26.68
N PHE C 128 -2.70 -12.32 -25.35
CA PHE C 128 -2.01 -11.29 -24.60
C PHE C 128 -1.12 -11.90 -23.53
N LYS C 129 -0.19 -11.09 -23.03
CA LYS C 129 0.70 -11.48 -21.95
C LYS C 129 0.64 -10.44 -20.84
N ILE C 130 0.96 -10.87 -19.63
CA ILE C 130 1.09 -9.99 -18.47
C ILE C 130 2.54 -10.02 -18.02
N GLU C 131 3.10 -8.85 -17.71
CA GLU C 131 4.46 -8.76 -17.21
C GLU C 131 4.46 -7.73 -16.09
N SER C 132 5.62 -7.50 -15.49
CA SER C 132 5.73 -6.49 -14.43
C SER C 132 7.03 -5.72 -14.59
N GLY C 133 6.97 -4.43 -14.29
CA GLY C 133 8.15 -3.60 -14.24
C GLY C 133 8.32 -3.03 -12.85
N ASN C 134 8.51 -1.72 -12.75
CA ASN C 134 8.61 -1.05 -11.47
C ASN C 134 7.24 -0.86 -10.79
N LEU C 135 6.17 -1.12 -11.51
CA LEU C 135 4.81 -0.95 -11.04
C LEU C 135 4.21 -2.32 -10.73
N GLY C 136 2.90 -2.35 -10.45
CA GLY C 136 2.23 -3.61 -10.16
C GLY C 136 2.31 -4.62 -11.29
N TYR C 137 1.58 -4.35 -12.39
CA TYR C 137 1.67 -5.17 -13.59
C TYR C 137 1.36 -4.32 -14.81
N LYS C 138 1.86 -4.78 -15.95
CA LYS C 138 1.72 -4.09 -17.24
C LYS C 138 1.36 -5.12 -18.31
N PHE C 139 0.36 -4.80 -19.11
CA PHE C 139 -0.03 -5.66 -20.21
C PHE C 139 0.97 -5.56 -21.36
N ASN C 140 1.10 -6.66 -22.11
CA ASN C 140 1.95 -6.71 -23.28
C ASN C 140 1.23 -7.54 -24.35
N PHE C 141 1.32 -7.11 -25.59
CA PHE C 141 0.84 -7.90 -26.73
C PHE C 141 2.07 -8.40 -27.49
N CYS C 142 2.37 -9.69 -27.32
CA CYS C 142 3.45 -10.34 -28.07
C CYS C 142 3.13 -11.83 -28.13
N PRO C 143 2.04 -12.21 -28.81
CA PRO C 143 1.62 -13.61 -28.82
C PRO C 143 2.65 -14.52 -29.46
N SER C 144 2.76 -15.72 -28.90
CA SER C 144 3.69 -16.73 -29.39
C SER C 144 2.98 -17.93 -29.98
N VAL C 145 1.67 -17.82 -30.25
CA VAL C 145 0.89 -18.96 -30.71
C VAL C 145 1.15 -19.33 -32.16
N CYS C 146 1.98 -18.58 -32.86
CA CYS C 146 2.32 -18.89 -34.25
C CYS C 146 3.76 -18.48 -34.49
N GLU C 147 4.66 -19.46 -34.56
CA GLU C 147 6.09 -19.15 -34.67
C GLU C 147 6.44 -18.55 -36.02
N SER C 148 5.78 -19.00 -37.09
CA SER C 148 6.05 -18.50 -38.43
C SER C 148 5.38 -17.15 -38.71
N CYS C 149 4.60 -16.64 -37.78
CA CYS C 149 3.86 -15.40 -37.97
C CYS C 149 4.69 -14.20 -37.53
N ILE C 150 4.38 -13.04 -38.12
CA ILE C 150 4.95 -11.77 -37.69
C ILE C 150 3.85 -10.95 -37.05
N THR C 151 4.10 -10.48 -35.83
CA THR C 151 3.15 -9.64 -35.12
C THR C 151 3.92 -8.56 -34.38
N LEU C 152 3.19 -7.52 -34.00
CA LEU C 152 3.78 -6.49 -33.16
C LEU C 152 4.14 -7.06 -31.79
N CYS C 153 5.15 -6.48 -31.17
CA CYS C 153 5.61 -6.93 -29.86
C CYS C 153 5.93 -5.67 -29.06
N SER C 154 4.98 -5.24 -28.22
CA SER C 154 5.12 -4.00 -27.47
C SER C 154 4.23 -4.07 -26.25
N ASP C 155 4.43 -3.13 -25.34
CA ASP C 155 3.62 -3.03 -24.14
C ASP C 155 2.24 -2.48 -24.50
N ILE C 156 1.41 -2.22 -23.49
CA ILE C 156 0.04 -1.74 -23.71
C ILE C 156 -0.26 -0.62 -22.72
N GLY C 157 -0.71 0.53 -23.23
CA GLY C 157 -0.99 1.69 -22.40
C GLY C 157 -2.32 2.35 -22.70
N ARG C 158 -2.56 3.52 -22.12
CA ARG C 158 -3.86 4.18 -22.17
C ARG C 158 -3.78 5.50 -22.92
N TYR C 159 -4.84 5.81 -23.67
CA TYR C 159 -4.91 7.03 -24.45
C TYR C 159 -6.33 7.57 -24.45
N GLY C 160 -6.45 8.90 -24.48
CA GLY C 160 -7.76 9.52 -24.64
C GLY C 160 -8.27 9.38 -26.06
N ASN C 161 -9.60 9.25 -26.18
CA ASN C 161 -10.22 9.05 -27.49
C ASN C 161 -11.67 9.50 -27.38
N ASP C 162 -11.96 10.69 -27.92
CA ASP C 162 -13.30 11.29 -27.85
C ASP C 162 -13.83 11.31 -26.41
N GLY C 163 -12.95 11.67 -25.48
CA GLY C 163 -13.34 11.74 -24.09
C GLY C 163 -13.52 10.39 -23.41
N GLN C 164 -13.06 9.30 -24.02
CA GLN C 164 -13.11 7.98 -23.40
C GLN C 164 -11.69 7.45 -23.28
N MET C 165 -11.36 6.87 -22.12
CA MET C 165 -10.03 6.32 -21.87
C MET C 165 -9.92 4.97 -22.54
N ARG C 166 -9.40 4.94 -23.77
CA ARG C 166 -9.20 3.68 -24.45
C ARG C 166 -7.78 3.15 -24.19
N LEU C 167 -7.53 1.94 -24.69
CA LEU C 167 -6.25 1.28 -24.55
C LEU C 167 -5.66 0.98 -25.92
N ALA C 168 -4.33 1.03 -26.01
CA ALA C 168 -3.66 0.81 -27.29
C ALA C 168 -2.23 0.37 -27.05
N LEU C 169 -1.61 -0.16 -28.11
CA LEU C 169 -0.21 -0.54 -28.01
C LEU C 169 0.66 0.68 -27.73
N ALA C 170 1.58 0.51 -26.77
CA ALA C 170 2.55 1.53 -26.41
C ALA C 170 3.87 0.85 -26.10
N GLU C 171 4.95 1.64 -26.00
CA GLU C 171 6.22 1.08 -25.57
C GLU C 171 6.37 1.06 -24.06
N SER C 172 5.60 1.90 -23.35
CA SER C 172 5.52 1.87 -21.90
C SER C 172 4.11 1.46 -21.49
N GLY C 173 4.02 0.39 -20.70
CA GLY C 173 2.73 -0.18 -20.35
C GLY C 173 2.17 0.40 -19.06
N TRP C 174 0.84 0.61 -19.06
CA TRP C 174 0.18 1.20 -17.90
C TRP C 174 0.03 0.16 -16.79
N PRO C 175 0.15 0.58 -15.53
CA PRO C 175 0.07 -0.39 -14.42
C PRO C 175 -1.35 -0.74 -14.02
N PHE C 176 -1.55 -2.00 -13.67
CA PHE C 176 -2.84 -2.48 -13.18
C PHE C 176 -2.64 -3.43 -12.00
N VAL C 177 -3.77 -3.75 -11.37
CA VAL C 177 -3.86 -4.73 -10.30
C VAL C 177 -5.19 -5.45 -10.45
N PHE C 178 -5.32 -6.60 -9.79
CA PHE C 178 -6.46 -7.49 -9.94
C PHE C 178 -7.14 -7.69 -8.59
N LYS C 179 -8.45 -7.48 -8.56
CA LYS C 179 -9.26 -7.70 -7.36
C LYS C 179 -10.32 -8.76 -7.62
N LYS C 180 -10.43 -9.74 -6.72
CA LYS C 180 -11.41 -10.80 -6.87
C LYS C 180 -12.83 -10.23 -6.77
N ALA C 181 -13.71 -10.68 -7.67
CA ALA C 181 -15.08 -10.19 -7.72
C ALA C 181 -15.95 -10.80 -6.65
S SO4 D . 33.18 24.77 0.25
O1 SO4 D . 34.54 25.02 -0.23
O2 SO4 D . 32.28 25.85 -0.13
O3 SO4 D . 33.17 24.62 1.71
O4 SO4 D . 32.71 23.57 -0.42
S SO4 E . 11.96 7.98 -13.97
O1 SO4 E . 10.92 8.28 -12.99
O2 SO4 E . 12.17 9.11 -14.86
O3 SO4 E . 11.57 6.87 -14.83
O4 SO4 E . 13.17 7.62 -13.25
S SO4 F . -6.34 -28.85 14.66
O1 SO4 F . -5.04 -28.25 14.39
O2 SO4 F . -7.33 -27.89 15.14
O3 SO4 F . -6.15 -29.84 15.70
O4 SO4 F . -6.85 -29.39 13.41
#